data_8GW0
#
_entry.id   8GW0
#
_cell.length_a   82.050
_cell.length_b   158.251
_cell.length_c   61.185
_cell.angle_alpha   90.000
_cell.angle_beta   90.000
_cell.angle_gamma   90.000
#
_symmetry.space_group_name_H-M   'C 2 2 21'
#
loop_
_entity.id
_entity.type
_entity.pdbx_description
1 polymer 'CAD protein'
2 non-polymer '(2S)-2-hydroxybutanedioic acid'
3 non-polymer 'ZINC ION'
4 water water
#
_entity_poly.entity_id   1
_entity_poly.type   'polypeptide(L)'
_entity_poly.pdbx_seq_one_letter_code
;MTSQKLVRLPGLIDVHVHLREPGGTHKEDFASGTAAALAGGITMVCAMPNTRPPIIDAPALALAQKLAEAGARCDFALFL
GASSENAGTLGTVAGSAAGL(KCX)LYLNETFSELRLDSVVQWMEHFETWPSHLPIVAHAEQQTVAAVLMVAQLTQRSVH
ICHVARKEEILLIKAAKARGLPVTCEVAPHHLFLSHDDLERLGPGKGEVRPELGSRQDVEALWENMAVIDCFASDHAPHT
LEEKCGSRPPPGFPGLETMLPLLLTAVSEGRLSLDDLLQRLHHNPRRIFHLPPQEDTYVEVDLEHEWTIPSHMPFSKAHW
TPFEGQKVKGTVRRVVLRGEVAYIDGQVLVPPGYGQDVRKWPQGAVPQLPPSAPATSEMTTTPERPRRGIPGLPD
;
_entity_poly.pdbx_strand_id   A
#
# COMPACT_ATOMS: atom_id res chain seq x y z
N LYS A 5 10.41 10.64 25.93
CA LYS A 5 9.43 9.61 26.19
C LYS A 5 8.92 8.97 24.89
N LEU A 6 8.32 7.80 25.01
CA LEU A 6 7.73 7.16 23.85
C LEU A 6 6.37 7.76 23.56
N VAL A 7 5.91 7.60 22.32
CA VAL A 7 4.55 7.96 21.93
C VAL A 7 3.83 6.70 21.50
N ARG A 8 2.64 6.48 22.07
CA ARG A 8 1.83 5.32 21.71
C ARG A 8 0.86 5.71 20.61
N LEU A 9 0.90 4.97 19.50
CA LEU A 9 0.04 5.17 18.36
C LEU A 9 -0.91 4.01 18.23
N PRO A 10 -2.06 4.19 17.59
CA PRO A 10 -2.90 3.03 17.22
C PRO A 10 -2.18 2.17 16.20
N GLY A 11 -2.72 0.97 15.99
CA GLY A 11 -2.17 0.09 14.98
C GLY A 11 -2.32 0.70 13.59
N LEU A 12 -1.20 0.91 12.90
CA LEU A 12 -1.22 1.58 11.60
C LEU A 12 -1.57 0.58 10.50
N ILE A 13 -2.09 1.10 9.40
CA ILE A 13 -2.65 0.30 8.31
C ILE A 13 -1.99 0.72 6.99
N ASP A 14 -1.43 -0.26 6.27
CA ASP A 14 -0.90 -0.05 4.92
C ASP A 14 -1.81 -0.75 3.90
N VAL A 15 -2.51 0.05 3.09
CA VAL A 15 -3.53 -0.48 2.19
C VAL A 15 -2.92 -0.87 0.85
N HIS A 16 -1.59 -0.89 0.74
CA HIS A 16 -0.99 -1.16 -0.57
C HIS A 16 0.36 -1.87 -0.40
N VAL A 17 0.32 -3.20 -0.29
CA VAL A 17 1.55 -3.98 -0.16
C VAL A 17 1.51 -5.15 -1.14
N HIS A 18 2.70 -5.55 -1.56
CA HIS A 18 2.88 -6.74 -2.39
C HIS A 18 3.67 -7.76 -1.59
N LEU A 19 3.01 -8.86 -1.21
CA LEU A 19 3.66 -9.87 -0.38
C LEU A 19 4.18 -11.07 -1.17
N ARG A 20 3.99 -11.05 -2.50
CA ARG A 20 4.64 -12.01 -3.43
C ARG A 20 4.26 -13.49 -3.27
N GLU A 21 3.50 -13.82 -2.24
CA GLU A 21 3.02 -15.22 -2.10
C GLU A 21 1.56 -15.26 -2.52
N PRO A 22 1.16 -16.14 -3.46
CA PRO A 22 2.06 -17.14 -4.04
C PRO A 22 2.85 -16.82 -5.33
N GLY A 23 3.95 -17.53 -5.59
CA GLY A 23 4.62 -17.40 -6.90
C GLY A 23 5.94 -16.64 -6.97
N GLY A 24 6.22 -15.77 -6.00
CA GLY A 24 7.46 -14.96 -6.02
C GLY A 24 8.10 -14.96 -4.65
N THR A 25 8.09 -16.11 -3.99
CA THR A 25 8.53 -16.19 -2.57
C THR A 25 10.01 -15.89 -2.39
N HIS A 26 10.77 -15.85 -3.48
CA HIS A 26 12.20 -15.44 -3.36
C HIS A 26 12.28 -13.94 -3.08
N LYS A 27 11.27 -13.17 -3.50
CA LYS A 27 11.31 -11.70 -3.32
C LYS A 27 10.72 -11.34 -1.96
N GLU A 28 9.81 -12.17 -1.48
CA GLU A 28 9.10 -11.92 -0.20
C GLU A 28 8.05 -13.00 -0.02
N ASP A 29 7.66 -13.25 1.23
CA ASP A 29 6.50 -14.14 1.45
C ASP A 29 5.65 -13.53 2.56
N PHE A 30 4.53 -14.16 2.88
CA PHE A 30 3.63 -13.58 3.91
C PHE A 30 4.41 -13.38 5.22
N ALA A 31 5.24 -14.36 5.60
CA ALA A 31 5.96 -14.29 6.88
C ALA A 31 7.00 -13.17 6.88
N SER A 32 7.76 -13.05 5.79
CA SER A 32 8.81 -12.01 5.71
C SER A 32 8.17 -10.63 5.60
N GLY A 33 7.16 -10.52 4.73
CA GLY A 33 6.55 -9.20 4.50
C GLY A 33 5.81 -8.68 5.71
N THR A 34 5.13 -9.57 6.44
CA THR A 34 4.36 -9.14 7.63
C THR A 34 5.34 -8.83 8.76
N ALA A 35 6.52 -9.47 8.75
CA ALA A 35 7.55 -9.11 9.74
C ALA A 35 8.03 -7.70 9.42
N ALA A 36 8.27 -7.44 8.14
CA ALA A 36 8.68 -6.10 7.72
C ALA A 36 7.61 -5.07 8.12
N ALA A 37 6.34 -5.42 7.96
CA ALA A 37 5.25 -4.50 8.34
C ALA A 37 5.33 -4.18 9.83
N LEU A 38 5.45 -5.22 10.65
CA LEU A 38 5.44 -5.00 12.11
C LEU A 38 6.64 -4.13 12.49
N ALA A 39 7.77 -4.36 11.84
CA ALA A 39 8.98 -3.58 12.15
C ALA A 39 8.76 -2.13 11.75
N GLY A 40 7.87 -1.90 10.79
CA GLY A 40 7.55 -0.55 10.36
C GLY A 40 6.34 0.06 11.08
N GLY A 41 5.87 -0.60 12.15
CA GLY A 41 4.75 -0.06 12.94
C GLY A 41 3.41 -0.31 12.30
N ILE A 42 3.36 -1.27 11.38
CA ILE A 42 2.11 -1.59 10.63
C ILE A 42 1.52 -2.89 11.18
N THR A 43 0.24 -2.86 11.56
CA THR A 43 -0.41 -4.05 12.19
C THR A 43 -1.47 -4.66 11.27
N MET A 44 -1.72 -4.00 10.15
CA MET A 44 -2.73 -4.49 9.19
C MET A 44 -2.30 -4.08 7.78
N VAL A 45 -2.34 -5.05 6.87
CA VAL A 45 -1.89 -4.78 5.48
C VAL A 45 -2.97 -5.24 4.48
N CYS A 46 -3.04 -4.55 3.34
CA CYS A 46 -3.95 -4.98 2.25
C CYS A 46 -3.02 -5.44 1.12
N ALA A 47 -3.09 -6.71 0.75
CA ALA A 47 -2.12 -7.28 -0.20
C ALA A 47 -2.65 -7.30 -1.64
N MET A 48 -1.81 -6.85 -2.55
CA MET A 48 -2.23 -6.71 -3.96
C MET A 48 -2.29 -8.08 -4.64
N PRO A 49 -3.07 -8.20 -5.73
CA PRO A 49 -3.31 -9.50 -6.35
C PRO A 49 -2.41 -9.93 -7.51
N ASN A 50 -1.35 -9.19 -7.78
CA ASN A 50 -0.50 -9.47 -8.96
C ASN A 50 0.49 -10.59 -8.63
N THR A 51 -0.02 -11.68 -8.08
CA THR A 51 0.80 -12.84 -7.69
C THR A 51 0.77 -13.87 -8.82
N ARG A 52 1.39 -15.03 -8.58
CA ARG A 52 1.40 -16.13 -9.57
C ARG A 52 1.04 -17.45 -8.85
N PRO A 53 -0.21 -17.93 -8.90
CA PRO A 53 -1.25 -17.35 -9.76
C PRO A 53 -1.80 -16.00 -9.28
N PRO A 54 -2.33 -15.15 -10.18
CA PRO A 54 -2.93 -13.89 -9.79
C PRO A 54 -4.27 -14.12 -9.10
N ILE A 55 -4.63 -13.23 -8.20
CA ILE A 55 -5.84 -13.42 -7.38
C ILE A 55 -6.99 -12.79 -8.15
N ILE A 56 -7.50 -13.51 -9.15
CA ILE A 56 -8.49 -12.96 -10.06
C ILE A 56 -9.70 -13.86 -10.17
N ASP A 57 -9.83 -14.81 -9.24
CA ASP A 57 -10.94 -15.76 -9.26
C ASP A 57 -11.08 -16.41 -7.89
N ALA A 58 -12.21 -17.07 -7.69
CA ALA A 58 -12.47 -17.65 -6.36
C ALA A 58 -11.42 -18.68 -5.96
N PRO A 59 -11.00 -19.60 -6.83
CA PRO A 59 -10.00 -20.58 -6.41
C PRO A 59 -8.68 -19.96 -6.01
N ALA A 60 -8.21 -18.95 -6.75
CA ALA A 60 -6.95 -18.31 -6.39
C ALA A 60 -7.08 -17.54 -5.08
N LEU A 61 -8.24 -16.91 -4.86
CA LEU A 61 -8.47 -16.21 -3.59
C LEU A 61 -8.42 -17.19 -2.42
N ALA A 62 -9.07 -18.35 -2.57
CA ALA A 62 -9.08 -19.34 -1.51
C ALA A 62 -7.67 -19.81 -1.20
N LEU A 63 -6.86 -20.05 -2.24
CA LEU A 63 -5.47 -20.42 -2.01
C LEU A 63 -4.74 -19.33 -1.26
N ALA A 64 -4.83 -18.09 -1.75
CA ALA A 64 -4.13 -16.99 -1.10
C ALA A 64 -4.59 -16.83 0.34
N GLN A 65 -5.89 -16.98 0.60
CA GLN A 65 -6.40 -16.83 1.96
C GLN A 65 -5.72 -17.81 2.90
N LYS A 66 -5.61 -19.08 2.49
CA LYS A 66 -4.99 -20.07 3.37
C LYS A 66 -3.50 -19.83 3.52
N LEU A 67 -2.82 -19.44 2.44
CA LEU A 67 -1.40 -19.12 2.54
C LEU A 67 -1.18 -17.95 3.50
N ALA A 68 -2.03 -16.93 3.40
CA ALA A 68 -1.91 -15.78 4.31
C ALA A 68 -2.22 -16.18 5.76
N GLU A 69 -3.27 -16.97 5.96
CA GLU A 69 -3.61 -17.37 7.32
C GLU A 69 -2.48 -18.20 7.94
N ALA A 70 -1.73 -18.94 7.13
CA ALA A 70 -0.65 -19.76 7.64
C ALA A 70 0.66 -18.99 7.80
N GLY A 71 0.85 -17.91 7.02
CA GLY A 71 2.13 -17.24 7.00
C GLY A 71 2.16 -15.85 7.59
N ALA A 72 1.01 -15.16 7.60
CA ALA A 72 1.01 -13.76 8.03
C ALA A 72 1.23 -13.65 9.54
N ARG A 73 2.02 -12.65 9.93
CA ARG A 73 2.26 -12.32 11.32
C ARG A 73 1.44 -11.14 11.82
N CYS A 74 0.95 -10.29 10.93
CA CYS A 74 -0.01 -9.25 11.26
C CYS A 74 -1.31 -9.52 10.51
N ASP A 75 -2.34 -8.74 10.83
CA ASP A 75 -3.63 -8.97 10.18
C ASP A 75 -3.63 -8.40 8.76
N PHE A 76 -4.59 -8.87 7.96
CA PHE A 76 -4.54 -8.56 6.53
C PHE A 76 -5.92 -8.65 5.90
N ALA A 77 -6.01 -8.07 4.71
CA ALA A 77 -7.09 -8.31 3.79
C ALA A 77 -6.46 -8.45 2.42
N LEU A 78 -7.07 -9.26 1.57
CA LEU A 78 -6.51 -9.57 0.26
C LEU A 78 -7.34 -8.91 -0.82
N PHE A 79 -6.69 -8.20 -1.73
CA PHE A 79 -7.40 -7.63 -2.88
C PHE A 79 -7.71 -8.71 -3.90
N LEU A 80 -8.83 -8.53 -4.61
CA LEU A 80 -9.03 -9.22 -5.88
C LEU A 80 -8.54 -8.33 -7.02
N GLY A 81 -8.12 -8.95 -8.11
CA GLY A 81 -7.64 -8.22 -9.27
C GLY A 81 -8.66 -8.29 -10.40
N ALA A 82 -8.89 -7.14 -11.05
CA ALA A 82 -9.65 -7.14 -12.29
C ALA A 82 -8.81 -7.70 -13.42
N SER A 83 -9.43 -8.54 -14.26
CA SER A 83 -8.78 -9.08 -15.44
C SER A 83 -9.66 -8.80 -16.66
N SER A 84 -9.10 -9.11 -17.83
CA SER A 84 -9.87 -8.94 -19.05
C SER A 84 -10.98 -9.98 -19.20
N GLU A 85 -11.13 -10.91 -18.25
CA GLU A 85 -12.11 -11.98 -18.38
C GLU A 85 -13.06 -12.14 -17.20
N ASN A 86 -12.80 -11.51 -16.05
CA ASN A 86 -13.55 -11.87 -14.84
C ASN A 86 -14.62 -10.87 -14.43
N ALA A 87 -14.89 -9.83 -15.21
CA ALA A 87 -16.00 -8.94 -14.88
C ALA A 87 -17.30 -9.71 -14.81
N GLY A 88 -18.09 -9.46 -13.76
CA GLY A 88 -19.34 -10.15 -13.55
C GLY A 88 -19.23 -11.50 -12.87
N THR A 89 -18.02 -12.01 -12.65
CA THR A 89 -17.82 -13.33 -12.06
C THR A 89 -17.44 -13.29 -10.57
N LEU A 90 -17.29 -12.11 -9.98
CA LEU A 90 -16.69 -11.99 -8.65
C LEU A 90 -17.71 -11.74 -7.54
N GLY A 91 -19.01 -11.70 -7.86
CA GLY A 91 -19.98 -11.21 -6.90
C GLY A 91 -20.08 -12.04 -5.63
N THR A 92 -19.85 -13.35 -5.73
CA THR A 92 -20.00 -14.18 -4.54
C THR A 92 -18.81 -14.06 -3.59
N VAL A 93 -17.62 -13.72 -4.08
CA VAL A 93 -16.45 -13.58 -3.22
C VAL A 93 -16.06 -12.13 -2.98
N ALA A 94 -16.70 -11.17 -3.65
CA ALA A 94 -16.26 -9.77 -3.57
C ALA A 94 -16.19 -9.28 -2.13
N GLY A 95 -17.17 -9.63 -1.30
CA GLY A 95 -17.22 -9.15 0.07
C GLY A 95 -16.10 -9.66 0.94
N SER A 96 -15.43 -10.72 0.53
CA SER A 96 -14.34 -11.28 1.33
C SER A 96 -12.99 -10.65 1.02
N ALA A 97 -12.91 -9.77 0.03
CA ALA A 97 -11.66 -9.13 -0.36
C ALA A 97 -11.57 -7.73 0.23
N ALA A 98 -10.35 -7.20 0.28
CA ALA A 98 -10.16 -5.80 0.64
C ALA A 98 -10.91 -4.89 -0.33
N GLY A 99 -10.89 -5.24 -1.60
CA GLY A 99 -11.48 -4.43 -2.65
C GLY A 99 -11.07 -5.02 -3.99
N LEU A 100 -11.37 -4.27 -5.05
CA LEU A 100 -10.99 -4.71 -6.42
C LEU A 100 -9.89 -3.78 -6.93
N LEU A 102 -7.61 -2.46 -10.08
CA LEU A 102 -7.49 -2.36 -11.55
C LEU A 102 -6.08 -1.88 -11.91
N TYR A 103 -5.41 -2.61 -12.78
CA TYR A 103 -4.12 -2.17 -13.31
C TYR A 103 -4.36 -1.51 -14.66
N LEU A 104 -4.17 -0.19 -14.74
CA LEU A 104 -4.51 0.56 -15.95
C LEU A 104 -3.29 1.06 -16.72
N ASN A 105 -2.08 0.77 -16.23
CA ASN A 105 -0.84 1.17 -16.90
C ASN A 105 0.17 0.03 -16.84
N GLU A 106 1.21 0.14 -17.67
CA GLU A 106 2.32 -0.81 -17.62
C GLU A 106 2.98 -0.80 -16.25
N THR A 107 3.18 -1.97 -15.68
CA THR A 107 3.95 -2.14 -14.45
C THR A 107 4.21 -3.63 -14.30
N PHE A 108 4.72 -4.02 -13.14
CA PHE A 108 4.97 -5.44 -12.86
C PHE A 108 3.62 -6.11 -12.65
N SER A 109 2.92 -6.41 -13.75
CA SER A 109 1.65 -7.11 -13.62
C SER A 109 1.25 -7.64 -14.99
N GLU A 110 0.47 -8.72 -14.97
CA GLU A 110 -0.09 -9.33 -16.17
C GLU A 110 -1.55 -8.94 -16.37
N LEU A 111 -2.07 -8.00 -15.58
CA LEU A 111 -3.49 -7.74 -15.51
C LEU A 111 -3.90 -6.41 -16.14
N ARG A 112 -3.04 -5.81 -16.96
CA ARG A 112 -3.40 -4.53 -17.55
C ARG A 112 -4.66 -4.70 -18.40
N LEU A 113 -5.62 -3.80 -18.23
CA LEU A 113 -6.84 -3.82 -19.03
C LEU A 113 -6.65 -2.90 -20.22
N ASP A 114 -6.80 -3.46 -21.41
CA ASP A 114 -6.48 -2.71 -22.64
C ASP A 114 -7.55 -1.68 -22.99
N SER A 115 -8.82 -1.98 -22.77
CA SER A 115 -9.92 -1.15 -23.25
C SER A 115 -10.68 -0.52 -22.09
N VAL A 116 -11.01 0.77 -22.26
CA VAL A 116 -11.79 1.44 -21.23
C VAL A 116 -13.15 0.76 -21.06
N VAL A 117 -13.65 0.09 -22.10
CA VAL A 117 -14.91 -0.63 -21.95
C VAL A 117 -14.78 -1.69 -20.87
N GLN A 118 -13.60 -2.32 -20.76
CA GLN A 118 -13.37 -3.29 -19.71
C GLN A 118 -13.38 -2.64 -18.34
N TRP A 119 -12.84 -1.42 -18.23
CA TRP A 119 -12.97 -0.71 -16.96
C TRP A 119 -14.44 -0.48 -16.63
N MET A 120 -15.21 0.01 -17.60
CA MET A 120 -16.63 0.24 -17.35
C MET A 120 -17.32 -1.03 -16.88
N GLU A 121 -17.05 -2.16 -17.55
CA GLU A 121 -17.67 -3.41 -17.16
C GLU A 121 -17.39 -3.77 -15.71
N HIS A 122 -16.15 -3.54 -15.25
CA HIS A 122 -15.83 -3.81 -13.85
C HIS A 122 -16.57 -2.85 -12.92
N PHE A 123 -16.59 -1.56 -13.26
CA PHE A 123 -17.29 -0.60 -12.40
C PHE A 123 -18.79 -0.90 -12.33
N GLU A 124 -19.36 -1.47 -13.40
CA GLU A 124 -20.78 -1.76 -13.40
C GLU A 124 -21.12 -3.04 -12.66
N THR A 125 -20.22 -4.03 -12.68
CA THR A 125 -20.52 -5.35 -12.13
C THR A 125 -20.03 -5.54 -10.70
N TRP A 126 -18.93 -4.92 -10.31
CA TRP A 126 -18.45 -5.03 -8.94
C TRP A 126 -19.47 -4.40 -7.99
N PRO A 127 -19.70 -4.98 -6.80
CA PRO A 127 -20.71 -4.41 -5.89
C PRO A 127 -20.40 -2.96 -5.56
N SER A 128 -21.41 -2.10 -5.64
CA SER A 128 -21.17 -0.65 -5.55
C SER A 128 -20.72 -0.23 -4.16
N HIS A 129 -20.98 -1.03 -3.13
CA HIS A 129 -20.62 -0.69 -1.77
C HIS A 129 -19.19 -1.09 -1.41
N LEU A 130 -18.45 -1.74 -2.33
CA LEU A 130 -17.12 -2.25 -2.04
C LEU A 130 -16.04 -1.43 -2.75
N PRO A 131 -14.85 -1.32 -2.16
CA PRO A 131 -13.83 -0.43 -2.73
C PRO A 131 -13.35 -0.90 -4.10
N ILE A 132 -13.06 0.08 -4.95
CA ILE A 132 -12.30 -0.11 -6.18
C ILE A 132 -11.09 0.80 -6.13
N VAL A 133 -9.91 0.26 -6.37
CA VAL A 133 -8.68 1.03 -6.40
C VAL A 133 -8.01 0.83 -7.75
N ALA A 134 -7.28 1.84 -8.20
CA ALA A 134 -6.69 1.79 -9.53
C ALA A 134 -5.24 2.24 -9.52
N HIS A 135 -4.39 1.46 -10.20
CA HIS A 135 -3.11 1.95 -10.67
C HIS A 135 -3.38 2.79 -11.90
N ALA A 136 -3.25 4.11 -11.79
CA ALA A 136 -3.69 5.00 -12.86
C ALA A 136 -2.76 6.20 -12.85
N GLU A 137 -1.98 6.36 -13.91
CA GLU A 137 -0.94 7.39 -13.95
C GLU A 137 -1.32 8.49 -14.94
N GLN A 138 -0.99 9.73 -14.58
CA GLN A 138 -1.15 10.86 -15.49
C GLN A 138 -2.56 10.94 -16.06
N GLN A 139 -2.72 10.94 -17.39
CA GLN A 139 -4.08 11.12 -17.91
C GLN A 139 -4.98 9.96 -17.55
N THR A 140 -4.40 8.80 -17.22
CA THR A 140 -5.22 7.68 -16.79
C THR A 140 -6.01 8.02 -15.53
N VAL A 141 -5.51 8.90 -14.67
CA VAL A 141 -6.30 9.34 -13.53
C VAL A 141 -7.59 10.00 -14.00
N ALA A 142 -7.51 10.88 -14.99
CA ALA A 142 -8.71 11.55 -15.47
C ALA A 142 -9.65 10.55 -16.14
N ALA A 143 -9.09 9.61 -16.90
CA ALA A 143 -9.93 8.62 -17.58
C ALA A 143 -10.70 7.77 -16.59
N VAL A 144 -10.03 7.28 -15.53
CA VAL A 144 -10.74 6.39 -14.61
C VAL A 144 -11.74 7.18 -13.77
N LEU A 145 -11.44 8.44 -13.46
CA LEU A 145 -12.42 9.29 -12.82
C LEU A 145 -13.67 9.43 -13.69
N MET A 146 -13.48 9.51 -15.01
CA MET A 146 -14.64 9.62 -15.89
C MET A 146 -15.46 8.36 -15.85
N VAL A 147 -14.80 7.20 -15.82
CA VAL A 147 -15.53 5.94 -15.71
C VAL A 147 -16.27 5.88 -14.38
N ALA A 148 -15.65 6.36 -13.30
CA ALA A 148 -16.34 6.37 -12.01
C ALA A 148 -17.57 7.25 -12.06
N GLN A 149 -17.49 8.39 -12.75
CA GLN A 149 -18.63 9.30 -12.84
C GLN A 149 -19.74 8.68 -13.69
N LEU A 150 -19.38 8.06 -14.81
CA LEU A 150 -20.39 7.46 -15.68
C LEU A 150 -21.15 6.37 -14.96
N THR A 151 -20.46 5.58 -14.13
CA THR A 151 -21.08 4.50 -13.38
C THR A 151 -21.53 4.95 -11.99
N GLN A 152 -21.39 6.23 -11.67
CA GLN A 152 -21.91 6.86 -10.44
C GLN A 152 -21.40 6.18 -9.17
N ARG A 153 -20.08 6.05 -9.05
CA ARG A 153 -19.54 5.45 -7.84
C ARG A 153 -18.17 6.03 -7.54
N SER A 154 -17.59 5.58 -6.44
CA SER A 154 -16.30 6.07 -5.98
C SER A 154 -15.14 5.33 -6.65
N VAL A 155 -13.95 5.93 -6.55
CA VAL A 155 -12.72 5.25 -6.93
C VAL A 155 -11.59 5.79 -6.06
N HIS A 156 -10.63 4.92 -5.75
CA HIS A 156 -9.43 5.27 -5.00
C HIS A 156 -8.23 5.19 -5.93
N ILE A 157 -7.40 6.24 -5.96
CA ILE A 157 -6.25 6.30 -6.85
C ILE A 157 -5.02 5.90 -6.06
N CYS A 158 -4.37 4.79 -6.45
CA CYS A 158 -3.13 4.42 -5.76
C CYS A 158 -1.93 5.30 -6.13
N HIS A 159 -0.92 5.22 -5.26
CA HIS A 159 0.35 5.93 -5.37
C HIS A 159 0.33 7.09 -6.36
N VAL A 160 -0.21 8.22 -5.92
CA VAL A 160 -0.19 9.46 -6.70
C VAL A 160 1.22 10.03 -6.62
N ALA A 161 1.78 10.40 -7.77
CA ALA A 161 3.20 10.73 -7.82
C ALA A 161 3.52 12.04 -8.50
N ARG A 162 2.55 12.71 -9.11
CA ARG A 162 2.84 13.84 -9.99
C ARG A 162 1.99 15.04 -9.62
N LYS A 163 2.56 16.24 -9.80
CA LYS A 163 1.77 17.47 -9.71
C LYS A 163 0.51 17.36 -10.55
N GLU A 164 0.66 16.88 -11.78
CA GLU A 164 -0.49 16.73 -12.68
C GLU A 164 -1.62 15.92 -12.02
N GLU A 165 -1.26 14.86 -11.32
CA GLU A 165 -2.26 13.95 -10.76
C GLU A 165 -2.94 14.54 -9.52
N ILE A 166 -2.15 15.10 -8.61
CA ILE A 166 -2.74 15.61 -7.38
C ILE A 166 -3.64 16.82 -7.67
N LEU A 167 -3.28 17.63 -8.67
CA LEU A 167 -4.12 18.77 -9.03
C LEU A 167 -5.42 18.33 -9.68
N LEU A 168 -5.37 17.28 -10.51
CA LEU A 168 -6.58 16.75 -11.09
C LEU A 168 -7.52 16.20 -10.01
N ILE A 169 -6.97 15.44 -9.06
CA ILE A 169 -7.77 14.93 -7.95
C ILE A 169 -8.32 16.08 -7.12
N LYS A 170 -7.52 17.12 -6.90
CA LYS A 170 -8.00 18.28 -6.16
C LYS A 170 -9.20 18.92 -6.85
N ALA A 171 -9.13 19.04 -8.18
CA ALA A 171 -10.26 19.59 -8.93
C ALA A 171 -11.49 18.70 -8.79
N ALA A 172 -11.30 17.38 -8.87
CA ALA A 172 -12.43 16.47 -8.77
C ALA A 172 -13.08 16.57 -7.39
N LYS A 173 -12.27 16.66 -6.34
CA LYS A 173 -12.83 16.79 -5.00
C LYS A 173 -13.59 18.10 -4.84
N ALA A 174 -13.10 19.16 -5.47
CA ALA A 174 -13.77 20.46 -5.39
C ALA A 174 -15.14 20.43 -6.06
N ARG A 175 -15.32 19.53 -7.03
CA ARG A 175 -16.62 19.34 -7.66
C ARG A 175 -17.47 18.31 -6.94
N GLY A 176 -17.04 17.84 -5.77
CA GLY A 176 -17.80 16.90 -4.97
C GLY A 176 -17.76 15.48 -5.47
N LEU A 177 -16.79 15.13 -6.30
CA LEU A 177 -16.73 13.76 -6.80
C LEU A 177 -16.15 12.83 -5.73
N PRO A 178 -16.68 11.62 -5.61
CA PRO A 178 -16.19 10.64 -4.61
C PRO A 178 -14.90 9.98 -5.07
N VAL A 179 -13.78 10.68 -4.87
CA VAL A 179 -12.46 10.17 -5.20
C VAL A 179 -11.59 10.28 -3.96
N THR A 180 -10.80 9.25 -3.69
CA THR A 180 -9.78 9.30 -2.63
C THR A 180 -8.45 8.90 -3.25
N CYS A 181 -7.36 9.14 -2.52
CA CYS A 181 -6.08 8.80 -3.12
C CYS A 181 -5.05 8.57 -2.01
N GLU A 182 -3.96 7.92 -2.40
CA GLU A 182 -2.87 7.61 -1.49
C GLU A 182 -1.56 8.04 -2.13
N VAL A 183 -0.55 8.30 -1.30
CA VAL A 183 0.79 8.64 -1.78
C VAL A 183 1.82 7.78 -1.05
N ALA A 184 2.82 7.32 -1.78
CA ALA A 184 3.87 6.44 -1.29
C ALA A 184 5.09 7.27 -0.86
N PRO A 185 5.85 6.75 0.11
CA PRO A 185 6.97 7.55 0.63
C PRO A 185 8.03 7.89 -0.42
N HIS A 186 8.27 7.02 -1.40
CA HIS A 186 9.31 7.39 -2.35
C HIS A 186 8.91 8.59 -3.21
N HIS A 187 7.62 8.89 -3.37
CA HIS A 187 7.23 10.06 -4.15
C HIS A 187 7.17 11.32 -3.30
N LEU A 188 7.38 11.19 -1.99
CA LEU A 188 7.51 12.33 -1.10
C LEU A 188 8.96 12.63 -0.75
N PHE A 189 9.84 11.62 -0.81
CA PHE A 189 11.19 11.72 -0.26
C PHE A 189 12.30 11.42 -1.25
N LEU A 190 11.96 11.04 -2.48
CA LEU A 190 12.92 10.82 -3.55
C LEU A 190 12.44 11.54 -4.80
N SER A 191 13.35 11.80 -5.72
CA SER A 191 13.02 12.56 -6.92
C SER A 191 14.06 12.24 -8.00
N HIS A 192 13.93 12.93 -9.15
CA HIS A 192 14.94 12.82 -10.20
C HIS A 192 16.34 13.03 -9.66
N ASP A 193 16.50 13.90 -8.66
CA ASP A 193 17.83 14.16 -8.13
C ASP A 193 18.49 12.90 -7.59
N ASP A 194 17.71 11.84 -7.33
CA ASP A 194 18.27 10.61 -6.76
C ASP A 194 18.56 9.54 -7.81
N LEU A 195 18.21 9.77 -9.08
CA LEU A 195 18.41 8.73 -10.09
C LEU A 195 19.89 8.50 -10.39
N GLU A 196 20.71 9.54 -10.26
CA GLU A 196 22.15 9.37 -10.40
C GLU A 196 22.69 8.37 -9.39
N ARG A 197 22.34 8.56 -8.12
CA ARG A 197 22.82 7.66 -7.08
C ARG A 197 22.24 6.25 -7.24
N LEU A 198 20.96 6.17 -7.65
CA LEU A 198 20.27 4.89 -7.69
C LEU A 198 20.67 4.07 -8.90
N GLY A 199 20.91 4.71 -10.04
CA GLY A 199 21.12 4.01 -11.28
C GLY A 199 19.80 3.61 -11.91
N PRO A 200 19.86 3.14 -13.15
CA PRO A 200 18.62 2.85 -13.88
C PRO A 200 17.94 1.55 -13.48
N GLY A 201 18.63 0.64 -12.80
CA GLY A 201 18.00 -0.57 -12.31
C GLY A 201 17.27 -0.35 -11.00
N LYS A 202 18.03 -0.03 -9.94
CA LYS A 202 17.42 0.29 -8.65
C LYS A 202 16.35 1.38 -8.77
N GLY A 203 16.58 2.37 -9.63
CA GLY A 203 15.68 3.50 -9.75
C GLY A 203 14.39 3.25 -10.49
N GLU A 204 14.21 2.05 -11.05
CA GLU A 204 13.02 1.70 -11.82
C GLU A 204 11.83 1.49 -10.90
N VAL A 205 10.82 2.31 -11.12
CA VAL A 205 9.59 2.24 -10.30
C VAL A 205 8.43 2.81 -11.11
N ARG A 206 7.23 2.30 -10.87
CA ARG A 206 6.02 2.87 -11.52
C ARG A 206 5.00 3.13 -10.40
N PRO A 207 4.46 4.35 -10.26
CA PRO A 207 4.91 5.49 -11.05
C PRO A 207 6.39 5.87 -10.87
N GLU A 208 6.97 6.41 -11.93
CA GLU A 208 8.41 6.78 -11.90
C GLU A 208 8.65 7.90 -10.89
N LEU A 209 9.88 8.02 -10.41
CA LEU A 209 10.18 9.15 -9.55
C LEU A 209 9.94 10.46 -10.29
N GLY A 210 9.40 11.44 -9.57
CA GLY A 210 9.02 12.70 -10.17
C GLY A 210 10.11 13.76 -10.04
N SER A 211 9.86 14.90 -10.65
CA SER A 211 10.74 16.05 -10.50
C SER A 211 10.63 16.62 -9.08
N ARG A 212 11.56 17.54 -8.77
CA ARG A 212 11.43 18.29 -7.53
C ARG A 212 10.10 19.04 -7.48
N GLN A 213 9.59 19.46 -8.63
CA GLN A 213 8.31 20.18 -8.65
C GLN A 213 7.16 19.23 -8.37
N ASP A 214 7.26 17.97 -8.82
CA ASP A 214 6.25 16.98 -8.47
C ASP A 214 6.24 16.74 -6.96
N VAL A 215 7.42 16.55 -6.36
CA VAL A 215 7.50 16.30 -4.93
C VAL A 215 6.96 17.49 -4.14
N GLU A 216 7.35 18.71 -4.54
CA GLU A 216 6.86 19.90 -3.83
C GLU A 216 5.34 20.03 -3.96
N ALA A 217 4.79 19.69 -5.13
CA ALA A 217 3.34 19.77 -5.32
C ALA A 217 2.60 18.81 -4.39
N LEU A 218 3.15 17.62 -4.17
CA LEU A 218 2.48 16.69 -3.28
C LEU A 218 2.47 17.23 -1.84
N TRP A 219 3.62 17.75 -1.39
CA TRP A 219 3.67 18.34 -0.06
C TRP A 219 2.76 19.55 0.07
N GLU A 220 2.75 20.43 -0.94
CA GLU A 220 1.86 21.60 -0.88
C GLU A 220 0.39 21.18 -0.85
N ASN A 221 0.06 20.06 -1.47
CA ASN A 221 -1.32 19.61 -1.55
C ASN A 221 -1.60 18.44 -0.62
N MET A 222 -0.94 18.41 0.53
CA MET A 222 -1.14 17.33 1.49
C MET A 222 -2.60 17.18 1.90
N ALA A 223 -3.36 18.29 1.92
CA ALA A 223 -4.77 18.23 2.28
C ALA A 223 -5.55 17.35 1.33
N VAL A 224 -5.05 17.15 0.11
CA VAL A 224 -5.72 16.33 -0.89
C VAL A 224 -5.41 14.84 -0.72
N ILE A 225 -4.35 14.51 0.01
CA ILE A 225 -3.88 13.13 0.15
C ILE A 225 -4.67 12.46 1.27
N ASP A 226 -5.47 11.42 0.93
CA ASP A 226 -6.23 10.75 1.99
C ASP A 226 -5.39 9.76 2.79
N CYS A 227 -4.50 9.00 2.14
CA CYS A 227 -3.78 7.92 2.79
C CYS A 227 -2.31 8.01 2.42
N PHE A 228 -1.45 7.52 3.31
CA PHE A 228 -0.11 7.10 2.94
C PHE A 228 -0.15 5.59 2.82
N ALA A 229 0.54 5.06 1.81
CA ALA A 229 0.67 3.61 1.66
C ALA A 229 1.98 3.32 0.93
N SER A 230 2.63 2.22 1.32
CA SER A 230 4.01 2.04 0.91
C SER A 230 4.15 1.66 -0.56
N ASP A 231 3.16 0.97 -1.14
CA ASP A 231 3.37 0.18 -2.36
C ASP A 231 4.66 -0.62 -2.20
N HIS A 232 4.76 -1.29 -1.06
CA HIS A 232 5.86 -2.21 -0.82
C HIS A 232 5.93 -3.22 -1.95
N ALA A 233 6.98 -3.17 -2.77
CA ALA A 233 7.03 -3.91 -4.03
C ALA A 233 8.40 -4.57 -4.12
N PRO A 234 8.62 -5.62 -3.35
CA PRO A 234 9.96 -6.19 -3.21
C PRO A 234 10.38 -6.97 -4.44
N HIS A 235 11.60 -6.72 -4.90
CA HIS A 235 12.30 -7.56 -5.86
C HIS A 235 13.73 -7.68 -5.36
N THR A 236 14.41 -8.78 -5.71
CA THR A 236 15.78 -8.93 -5.23
C THR A 236 16.70 -7.96 -5.95
N LEU A 237 17.85 -7.68 -5.32
CA LEU A 237 18.82 -6.80 -5.96
C LEU A 237 19.23 -7.34 -7.33
N GLU A 238 19.44 -8.66 -7.43
CA GLU A 238 19.83 -9.25 -8.70
C GLU A 238 18.80 -8.93 -9.77
N GLU A 239 17.51 -8.91 -9.41
CA GLU A 239 16.45 -8.60 -10.40
C GLU A 239 16.48 -7.11 -10.75
N LYS A 240 16.65 -6.27 -9.74
CA LYS A 240 16.68 -4.80 -9.96
C LYS A 240 17.87 -4.39 -10.82
N CYS A 241 18.97 -5.14 -10.76
CA CYS A 241 20.19 -4.72 -11.49
C CYS A 241 20.37 -5.55 -12.76
N GLY A 242 19.38 -6.35 -13.10
CA GLY A 242 19.45 -7.17 -14.32
C GLY A 242 19.10 -6.41 -15.58
N SER A 243 19.06 -7.11 -16.72
CA SER A 243 18.81 -6.45 -18.03
C SER A 243 17.41 -5.85 -18.11
N ARG A 244 16.42 -6.51 -17.53
CA ARG A 244 15.04 -6.03 -17.63
C ARG A 244 14.47 -5.85 -16.22
N PRO A 245 14.87 -4.80 -15.52
CA PRO A 245 14.55 -4.69 -14.09
C PRO A 245 13.06 -4.50 -13.87
N PRO A 246 12.46 -5.28 -12.98
CA PRO A 246 11.06 -5.04 -12.63
C PRO A 246 10.93 -3.76 -11.84
N PRO A 247 9.86 -3.00 -12.01
CA PRO A 247 9.67 -1.77 -11.23
C PRO A 247 9.17 -2.07 -9.83
N GLY A 248 9.55 -1.22 -8.89
CA GLY A 248 9.06 -1.31 -7.53
C GLY A 248 10.16 -1.19 -6.50
N PHE A 249 9.80 -0.63 -5.34
CA PHE A 249 10.67 -0.48 -4.18
C PHE A 249 10.11 -1.23 -2.98
N PRO A 250 10.94 -1.87 -2.16
CA PRO A 250 10.49 -2.27 -0.83
C PRO A 250 10.33 -1.02 0.02
N GLY A 251 9.40 -1.07 0.97
CA GLY A 251 9.14 0.15 1.72
C GLY A 251 8.46 0.04 3.08
N LEU A 252 8.04 -1.17 3.50
CA LEU A 252 7.34 -1.29 4.77
C LEU A 252 8.21 -0.82 5.93
N GLU A 253 9.49 -1.17 5.91
CA GLU A 253 10.33 -0.89 7.06
C GLU A 253 10.85 0.53 7.12
N THR A 254 10.76 1.29 6.02
CA THR A 254 11.24 2.67 5.98
C THR A 254 10.12 3.71 6.01
N MET A 255 8.86 3.32 5.74
CA MET A 255 7.80 4.32 5.60
C MET A 255 7.64 5.15 6.87
N LEU A 256 7.44 4.49 8.01
CA LEU A 256 7.09 5.27 9.19
C LEU A 256 8.31 6.09 9.65
N PRO A 257 9.52 5.54 9.65
CA PRO A 257 10.68 6.39 9.99
C PRO A 257 10.81 7.63 9.12
N LEU A 258 10.58 7.51 7.81
CA LEU A 258 10.64 8.69 6.95
C LEU A 258 9.58 9.71 7.35
N LEU A 259 8.35 9.24 7.59
CA LEU A 259 7.27 10.17 7.90
C LEU A 259 7.45 10.79 9.28
N LEU A 260 7.94 10.02 10.25
CA LEU A 260 8.23 10.59 11.56
C LEU A 260 9.30 11.66 11.47
N THR A 261 10.28 11.47 10.58
CA THR A 261 11.29 12.49 10.38
C THR A 261 10.64 13.78 9.89
N ALA A 262 9.68 13.65 8.97
CA ALA A 262 8.97 14.82 8.49
C ALA A 262 8.17 15.47 9.61
N VAL A 263 7.55 14.66 10.48
CA VAL A 263 6.87 15.24 11.63
C VAL A 263 7.84 16.01 12.51
N SER A 264 9.02 15.42 12.77
CA SER A 264 9.99 16.10 13.63
C SER A 264 10.49 17.40 13.02
N GLU A 265 10.42 17.55 11.70
CA GLU A 265 10.84 18.75 11.01
C GLU A 265 9.70 19.75 10.84
N GLY A 266 8.52 19.45 11.38
CA GLY A 266 7.36 20.32 11.23
C GLY A 266 6.70 20.31 9.87
N ARG A 267 7.00 19.32 9.02
CA ARG A 267 6.44 19.28 7.69
C ARG A 267 5.01 18.76 7.69
N LEU A 268 4.64 17.99 8.71
CA LEU A 268 3.24 17.67 8.96
C LEU A 268 3.12 17.27 10.41
N SER A 269 1.89 17.20 10.89
CA SER A 269 1.63 16.98 12.30
C SER A 269 1.49 15.49 12.59
N LEU A 270 1.58 15.15 13.87
CA LEU A 270 1.27 13.77 14.26
C LEU A 270 -0.14 13.40 13.82
N ASP A 271 -1.10 14.33 13.96
CA ASP A 271 -2.46 14.03 13.53
C ASP A 271 -2.54 13.77 12.03
N ASP A 272 -1.81 14.56 11.25
CA ASP A 272 -1.76 14.34 9.80
C ASP A 272 -1.37 12.90 9.50
N LEU A 273 -0.38 12.39 10.22
CA LEU A 273 0.07 11.02 10.04
C LEU A 273 -1.01 10.02 10.42
N LEU A 274 -1.65 10.23 11.58
CA LEU A 274 -2.66 9.28 12.06
C LEU A 274 -3.89 9.28 11.16
N GLN A 275 -4.27 10.42 10.60
CA GLN A 275 -5.34 10.41 9.61
C GLN A 275 -4.97 9.50 8.44
N ARG A 276 -3.73 9.61 7.97
CA ARG A 276 -3.37 9.01 6.69
C ARG A 276 -2.86 7.58 6.81
N LEU A 277 -2.49 7.13 8.01
CA LEU A 277 -2.08 5.74 8.21
C LEU A 277 -3.01 4.99 9.15
N HIS A 278 -4.16 5.56 9.52
CA HIS A 278 -5.07 4.83 10.41
C HIS A 278 -6.53 5.17 10.12
N HIS A 279 -6.92 6.42 10.33
CA HIS A 279 -8.34 6.74 10.26
C HIS A 279 -8.87 6.63 8.84
N ASN A 280 -8.15 7.18 7.87
CA ASN A 280 -8.72 7.20 6.51
C ASN A 280 -8.61 5.83 5.87
N PRO A 281 -7.51 5.07 6.06
CA PRO A 281 -7.54 3.67 5.62
C PRO A 281 -8.74 2.91 6.17
N ARG A 282 -9.03 3.07 7.47
CA ARG A 282 -10.20 2.41 8.04
C ARG A 282 -11.46 2.75 7.27
N ARG A 283 -11.69 4.03 7.01
CA ARG A 283 -12.99 4.42 6.49
C ARG A 283 -13.12 4.20 5.00
N ILE A 284 -12.01 4.29 4.25
CA ILE A 284 -12.12 4.09 2.81
C ILE A 284 -12.28 2.61 2.49
N PHE A 285 -11.63 1.75 3.26
CA PHE A 285 -11.68 0.32 3.02
C PHE A 285 -12.56 -0.42 4.01
N HIS A 286 -13.23 0.30 4.92
CA HIS A 286 -14.15 -0.32 5.88
C HIS A 286 -13.43 -1.43 6.65
N LEU A 287 -12.26 -1.08 7.16
CA LEU A 287 -11.46 -2.05 7.87
C LEU A 287 -11.76 -1.98 9.36
N PRO A 288 -11.78 -3.12 10.05
CA PRO A 288 -12.24 -3.13 11.44
C PRO A 288 -11.15 -2.68 12.39
N PRO A 289 -11.52 -2.25 13.60
CA PRO A 289 -10.51 -1.97 14.62
C PRO A 289 -9.78 -3.25 15.01
N GLN A 290 -8.61 -3.07 15.59
CA GLN A 290 -7.84 -4.16 16.17
C GLN A 290 -7.78 -3.95 17.68
N GLU A 291 -8.41 -4.85 18.42
CA GLU A 291 -8.44 -4.74 19.88
C GLU A 291 -7.04 -4.86 20.46
N ASP A 292 -6.81 -4.12 21.55
CA ASP A 292 -5.57 -4.21 22.32
C ASP A 292 -4.33 -4.22 21.41
N THR A 293 -4.25 -3.20 20.55
CA THR A 293 -3.24 -3.13 19.51
C THR A 293 -2.68 -1.71 19.47
N TYR A 294 -1.36 -1.59 19.52
CA TYR A 294 -0.76 -0.27 19.49
C TYR A 294 0.72 -0.39 19.12
N VAL A 295 1.29 0.78 18.81
CA VAL A 295 2.65 0.90 18.31
C VAL A 295 3.32 1.97 19.15
N GLU A 296 4.47 1.65 19.72
CA GLU A 296 5.23 2.61 20.51
C GLU A 296 6.43 3.08 19.70
N VAL A 297 6.53 4.38 19.48
CA VAL A 297 7.60 4.94 18.68
C VAL A 297 8.44 5.85 19.55
N ASP A 298 9.72 5.96 19.18
CA ASP A 298 10.69 6.84 19.80
C ASP A 298 11.03 7.92 18.80
N LEU A 299 10.67 9.17 19.12
CA LEU A 299 10.80 10.27 18.17
C LEU A 299 12.17 10.91 18.21
N GLU A 300 13.04 10.49 19.13
CA GLU A 300 14.32 11.13 19.37
C GLU A 300 15.47 10.46 18.65
N HIS A 301 15.34 9.17 18.35
CA HIS A 301 16.46 8.37 17.88
C HIS A 301 16.84 8.74 16.45
N GLU A 302 18.07 9.22 16.25
CA GLU A 302 18.58 9.58 14.94
C GLU A 302 19.39 8.41 14.38
N TRP A 303 19.15 8.06 13.11
CA TRP A 303 19.89 6.96 12.50
C TRP A 303 19.89 7.15 11.00
N THR A 304 20.73 6.36 10.34
CA THR A 304 20.91 6.42 8.89
C THR A 304 20.41 5.12 8.29
N ILE A 305 19.58 5.23 7.25
CA ILE A 305 19.05 4.02 6.64
C ILE A 305 20.19 3.23 6.01
N PRO A 306 20.37 1.95 6.35
CA PRO A 306 21.49 1.18 5.81
C PRO A 306 21.20 0.63 4.42
N SER A 307 22.11 -0.20 3.89
CA SER A 307 21.94 -0.70 2.53
C SER A 307 20.78 -1.69 2.40
N HIS A 308 20.37 -2.33 3.48
CA HIS A 308 19.14 -3.12 3.46
C HIS A 308 18.55 -3.15 4.87
N MET A 309 17.21 -3.15 4.94
CA MET A 309 16.50 -3.35 6.19
C MET A 309 16.48 -4.82 6.61
N PRO A 310 16.26 -5.08 7.90
CA PRO A 310 16.40 -6.45 8.43
C PRO A 310 15.47 -7.50 7.84
N PHE A 311 14.24 -7.17 7.46
CA PHE A 311 13.23 -8.21 7.30
C PHE A 311 12.83 -8.49 5.86
N SER A 312 12.63 -7.49 5.02
CA SER A 312 12.22 -7.78 3.65
C SER A 312 13.26 -8.62 2.92
N LYS A 313 12.78 -9.66 2.22
CA LYS A 313 13.70 -10.44 1.38
C LYS A 313 14.24 -9.64 0.20
N ALA A 314 13.71 -8.45 -0.09
CA ALA A 314 14.26 -7.65 -1.17
C ALA A 314 15.75 -7.40 -0.93
N HIS A 315 16.12 -7.21 0.33
CA HIS A 315 17.51 -7.11 0.76
C HIS A 315 18.21 -5.90 0.12
N TRP A 316 17.46 -4.84 -0.13
CA TRP A 316 18.00 -3.57 -0.60
C TRP A 316 16.98 -2.48 -0.30
N THR A 317 17.40 -1.21 -0.40
CA THR A 317 16.41 -0.14 -0.25
C THR A 317 16.87 1.09 -1.02
N PRO A 318 15.96 1.80 -1.70
CA PRO A 318 16.35 3.04 -2.39
C PRO A 318 16.64 4.19 -1.43
N PHE A 319 16.35 4.04 -0.14
CA PHE A 319 16.54 5.11 0.84
C PHE A 319 17.87 4.98 1.56
N GLU A 320 18.73 4.04 1.14
CA GLU A 320 20.05 3.90 1.73
C GLU A 320 20.75 5.24 1.83
N GLY A 321 21.24 5.55 3.03
CA GLY A 321 22.00 6.76 3.25
C GLY A 321 21.20 7.94 3.77
N GLN A 322 19.88 7.88 3.71
CA GLN A 322 19.08 8.99 4.23
C GLN A 322 19.09 8.97 5.76
N LYS A 323 19.19 10.16 6.33
CA LYS A 323 19.16 10.31 7.78
C LYS A 323 17.72 10.50 8.22
N VAL A 324 17.31 9.75 9.23
CA VAL A 324 15.95 9.81 9.74
C VAL A 324 16.01 10.02 11.25
N LYS A 325 14.88 10.47 11.79
CA LYS A 325 14.71 10.68 13.23
C LYS A 325 13.37 10.07 13.62
N GLY A 326 13.41 9.06 14.49
CA GLY A 326 12.16 8.33 14.77
C GLY A 326 12.30 6.86 14.43
N THR A 327 11.85 6.01 15.35
CA THR A 327 11.97 4.58 15.13
C THR A 327 10.88 3.85 15.91
N VAL A 328 10.51 2.68 15.39
CA VAL A 328 9.53 1.84 16.07
C VAL A 328 10.24 1.04 17.16
N ARG A 329 9.76 1.17 18.40
CA ARG A 329 10.32 0.42 19.53
C ARG A 329 9.55 -0.85 19.83
N ARG A 330 8.22 -0.79 19.86
CA ARG A 330 7.43 -1.94 20.28
C ARG A 330 6.11 -1.93 19.52
N VAL A 331 5.63 -3.11 19.15
CA VAL A 331 4.31 -3.29 18.58
C VAL A 331 3.61 -4.37 19.39
N VAL A 332 2.39 -4.08 19.84
CA VAL A 332 1.51 -5.05 20.46
C VAL A 332 0.36 -5.28 19.51
N LEU A 333 0.08 -6.55 19.17
CA LEU A 333 -0.98 -6.90 18.24
C LEU A 333 -1.96 -7.83 18.95
N ARG A 334 -3.18 -7.35 19.17
CA ARG A 334 -4.23 -8.12 19.81
C ARG A 334 -3.71 -8.78 21.10
N GLY A 335 -3.02 -7.96 21.90
CA GLY A 335 -2.63 -8.35 23.23
C GLY A 335 -1.35 -9.14 23.35
N GLU A 336 -0.65 -9.40 22.25
CA GLU A 336 0.64 -10.07 22.26
C GLU A 336 1.74 -9.12 21.79
N VAL A 337 2.89 -9.18 22.42
CA VAL A 337 4.04 -8.43 21.91
C VAL A 337 4.45 -9.02 20.57
N ALA A 338 4.39 -8.20 19.53
CA ALA A 338 4.68 -8.66 18.17
C ALA A 338 6.05 -8.27 17.68
N TYR A 339 6.62 -7.19 18.23
CA TYR A 339 7.89 -6.68 17.74
C TYR A 339 8.49 -5.84 18.84
N ILE A 340 9.79 -6.03 19.07
CA ILE A 340 10.55 -5.13 19.92
C ILE A 340 11.99 -5.01 19.40
N ASP A 341 12.38 -3.78 19.09
CA ASP A 341 13.76 -3.39 18.84
C ASP A 341 14.50 -4.38 17.93
N GLY A 342 13.92 -4.64 16.76
CA GLY A 342 14.57 -5.46 15.77
C GLY A 342 14.23 -6.93 15.83
N GLN A 343 13.38 -7.34 16.76
CA GLN A 343 13.01 -8.75 16.91
C GLN A 343 11.51 -8.89 16.73
N VAL A 344 11.11 -9.70 15.77
CA VAL A 344 9.70 -10.00 15.64
C VAL A 344 9.40 -11.19 16.53
N LEU A 345 8.29 -11.14 17.26
CA LEU A 345 8.04 -12.07 18.35
C LEU A 345 6.72 -12.81 18.22
N VAL A 346 6.00 -12.67 17.10
CA VAL A 346 4.84 -13.50 16.83
C VAL A 346 5.15 -14.38 15.63
N PRO A 347 4.66 -15.62 15.59
CA PRO A 347 5.09 -16.56 14.54
C PRO A 347 4.28 -16.36 13.27
N PRO A 348 4.76 -16.91 12.16
CA PRO A 348 3.91 -17.00 10.97
C PRO A 348 2.60 -17.69 11.33
N GLY A 349 1.49 -17.10 10.86
CA GLY A 349 0.18 -17.62 11.17
C GLY A 349 -0.52 -16.92 12.32
N TYR A 350 0.17 -16.00 13.03
CA TYR A 350 -0.52 -15.23 14.05
C TYR A 350 -1.55 -14.28 13.44
N GLY A 351 -1.30 -13.78 12.23
CA GLY A 351 -2.20 -12.83 11.62
C GLY A 351 -3.49 -13.46 11.11
N GLN A 352 -4.54 -12.64 11.03
CA GLN A 352 -5.86 -13.10 10.63
C GLN A 352 -6.41 -12.25 9.50
N ASP A 353 -7.33 -12.84 8.75
CA ASP A 353 -8.04 -12.18 7.67
C ASP A 353 -9.16 -11.32 8.26
N VAL A 354 -8.99 -9.99 8.24
CA VAL A 354 -9.96 -9.12 8.92
C VAL A 354 -11.34 -9.15 8.27
N ARG A 355 -11.45 -9.56 6.99
CA ARG A 355 -12.76 -9.63 6.36
C ARG A 355 -13.59 -10.78 6.91
N LYS A 356 -12.99 -11.71 7.64
CA LYS A 356 -13.75 -12.77 8.28
C LYS A 356 -14.16 -12.42 9.71
N TRP A 357 -13.69 -11.31 10.25
CA TRP A 357 -14.21 -10.82 11.52
C TRP A 357 -15.62 -10.27 11.32
N PRO A 358 -16.56 -10.52 12.24
CA PRO A 358 -17.90 -9.95 12.08
C PRO A 358 -17.86 -8.43 11.92
N GLN A 359 -16.97 -7.76 12.63
CA GLN A 359 -16.85 -6.31 12.46
C GLN A 359 -16.14 -5.93 11.16
N GLY A 360 -15.57 -6.89 10.43
CA GLY A 360 -14.84 -6.61 9.21
C GLY A 360 -15.65 -6.71 7.93
N ALA A 361 -16.89 -7.19 7.99
CA ALA A 361 -17.73 -7.19 6.81
C ALA A 361 -18.21 -5.78 6.49
N VAL A 362 -18.34 -5.48 5.20
CA VAL A 362 -18.77 -4.15 4.76
C VAL A 362 -20.29 -4.14 4.76
N PRO A 363 -20.93 -3.23 5.50
CA PRO A 363 -22.40 -3.21 5.50
C PRO A 363 -22.95 -2.86 4.12
N GLN A 364 -24.10 -3.43 3.80
CA GLN A 364 -24.72 -3.17 2.50
C GLN A 364 -26.23 -3.23 2.62
N LEU A 365 -26.89 -2.60 1.67
CA LEU A 365 -28.35 -2.61 1.62
C LEU A 365 -28.83 -4.00 1.20
N PRO A 366 -29.83 -4.57 1.88
CA PRO A 366 -30.27 -5.95 1.56
C PRO A 366 -30.64 -6.13 0.09
#